data_7HBL
#
_entry.id   7HBL
#
_cell.length_a   65.880
_cell.length_b   89.240
_cell.length_c   99.830
_cell.angle_alpha   90.000
_cell.angle_beta   90.000
_cell.angle_gamma   90.000
#
_symmetry.space_group_name_H-M   'I 2 2 2'
#
loop_
_entity.id
_entity.type
_entity.pdbx_description
1 polymer 'Heat shock protein HSP 90-alpha'
2 non-polymer 3-chloranyl-4-fluoranyl-benzamide
3 water water
#
_entity_poly.entity_id   1
_entity_poly.type   'polypeptide(L)'
_entity_poly.pdbx_seq_one_letter_code
;MDQPMEEEEVETFAFQAEIAQLMSLIINTFYSNKEIFLRELISNSSDALDKIRYESLTDPSKLDSGKELHINLIPNKQDR
TLTIVDTGIGMTKADLINNLGTIAKSGTKAFMEALQAGADISMIGQFGVGFYSAYLVAEKVTVITKHNDDEQYAWESSAG
GSFTVRTDTGEPMGRGTKVILHLKEDQTEYLEERRIKEIVKKHSQFIGYPITLFVEKERDKEVSDDEAELEHHHHHH
;
_entity_poly.pdbx_strand_id   A
#
loop_
_chem_comp.id
_chem_comp.type
_chem_comp.name
_chem_comp.formula
9TW non-polymer 3-chloranyl-4-fluoranyl-benzamide 'C7 H5 Cl F N O'
#
# COMPACT_ATOMS: atom_id res chain seq x y z
N GLU A 9 -22.69 -4.95 5.44
CA GLU A 9 -22.66 -3.61 6.01
C GLU A 9 -21.43 -2.85 5.54
N VAL A 10 -21.61 -2.01 4.53
CA VAL A 10 -20.53 -1.30 3.86
C VAL A 10 -20.71 0.19 4.14
N GLU A 11 -19.64 0.83 4.62
CA GLU A 11 -19.65 2.26 4.88
C GLU A 11 -18.89 2.98 3.77
N THR A 12 -19.48 4.05 3.24
CA THR A 12 -18.88 4.82 2.17
C THR A 12 -18.50 6.20 2.70
N PHE A 13 -17.26 6.62 2.43
CA PHE A 13 -16.69 7.84 2.95
C PHE A 13 -16.21 8.69 1.80
N ALA A 14 -16.25 10.01 1.98
CA ALA A 14 -15.60 10.92 1.04
C ALA A 14 -14.14 11.15 1.42
N PHE A 15 -13.25 11.09 0.44
CA PHE A 15 -11.89 11.58 0.69
C PHE A 15 -11.93 13.07 1.04
N GLN A 16 -11.04 13.47 1.95
CA GLN A 16 -10.77 14.89 2.10
C GLN A 16 -10.38 15.48 0.75
N ALA A 17 -10.75 16.74 0.53
CA ALA A 17 -10.58 17.36 -0.78
C ALA A 17 -9.14 17.31 -1.25
N GLU A 18 -8.19 17.54 -0.32
CA GLU A 18 -6.78 17.56 -0.68
C GLU A 18 -6.29 16.19 -1.14
N ILE A 19 -6.83 15.11 -0.56
CA ILE A 19 -6.42 13.76 -0.96
C ILE A 19 -7.06 13.40 -2.30
N ALA A 20 -8.31 13.78 -2.50
CA ALA A 20 -8.95 13.56 -3.80
C ALA A 20 -8.18 14.30 -4.89
N GLN A 21 -7.69 15.50 -4.59
CA GLN A 21 -6.89 16.24 -5.56
C GLN A 21 -5.61 15.51 -5.89
N LEU A 22 -4.92 14.99 -4.86
CA LEU A 22 -3.69 14.24 -5.09
C LEU A 22 -3.95 13.00 -5.95
N MET A 23 -5.03 12.28 -5.68
CA MET A 23 -5.33 11.09 -6.46
C MET A 23 -5.67 11.44 -7.90
N SER A 24 -6.46 12.49 -8.11
CA SER A 24 -6.78 12.90 -9.48
C SER A 24 -5.52 13.26 -10.25
N LEU A 25 -4.59 13.93 -9.58
CA LEU A 25 -3.36 14.33 -10.22
C LEU A 25 -2.48 13.10 -10.53
N ILE A 26 -2.48 12.10 -9.65
CA ILE A 26 -1.73 10.88 -9.93
C ILE A 26 -2.35 10.14 -11.12
N ILE A 27 -3.67 10.20 -11.25
CA ILE A 27 -4.34 9.42 -12.28
C ILE A 27 -4.25 10.12 -13.64
N ASN A 28 -4.29 11.45 -13.66
CA ASN A 28 -4.45 12.17 -14.93
C ASN A 28 -3.16 12.81 -15.45
N THR A 29 -2.12 12.94 -14.64
CA THR A 29 -0.88 13.54 -15.12
C THR A 29 -0.13 12.55 -16.00
N PHE A 30 0.43 13.04 -17.12
CA PHE A 30 1.30 12.19 -17.91
C PHE A 30 2.63 12.01 -17.18
N TYR A 31 2.99 10.77 -16.88
CA TYR A 31 4.20 10.48 -16.11
C TYR A 31 4.57 9.02 -16.37
N SER A 32 5.67 8.80 -17.09
CA SER A 32 5.96 7.46 -17.59
C SER A 32 6.57 6.55 -16.53
N ASN A 33 7.18 7.11 -15.49
CA ASN A 33 7.95 6.34 -14.51
C ASN A 33 7.02 5.70 -13.46
N LYS A 34 6.08 4.89 -13.94
CA LYS A 34 5.05 4.34 -13.06
C LYS A 34 5.58 3.28 -12.10
N GLU A 35 6.73 2.67 -12.41
CA GLU A 35 7.23 1.54 -11.63
C GLU A 35 7.52 1.89 -10.17
N ILE A 36 7.60 3.18 -9.83
CA ILE A 36 7.93 3.55 -8.45
C ILE A 36 6.84 3.16 -7.48
N PHE A 37 5.63 2.83 -7.96
CA PHE A 37 4.57 2.42 -7.04
C PHE A 37 5.03 1.25 -6.18
N LEU A 38 5.80 0.34 -6.76
CA LEU A 38 6.14 -0.87 -6.01
C LEU A 38 7.15 -0.57 -4.92
N ARG A 39 8.12 0.29 -5.23
CA ARG A 39 9.05 0.78 -4.21
C ARG A 39 8.30 1.41 -3.05
N GLU A 40 7.27 2.21 -3.37
CA GLU A 40 6.58 2.94 -2.32
C GLU A 40 5.79 1.99 -1.42
N LEU A 41 5.14 0.99 -2.02
CA LEU A 41 4.36 0.06 -1.21
C LEU A 41 5.27 -0.86 -0.39
N ILE A 42 6.39 -1.29 -0.97
CA ILE A 42 7.33 -2.10 -0.22
C ILE A 42 7.92 -1.29 0.93
N SER A 43 8.18 -0.01 0.70
CA SER A 43 8.69 0.83 1.78
C SER A 43 7.64 0.97 2.88
N ASN A 44 6.38 1.13 2.51
CA ASN A 44 5.31 1.18 3.51
C ASN A 44 5.26 -0.12 4.31
N SER A 45 5.39 -1.25 3.63
CA SER A 45 5.40 -2.53 4.35
C SER A 45 6.57 -2.62 5.29
N SER A 46 7.76 -2.17 4.84
CA SER A 46 8.92 -2.21 5.73
C SER A 46 8.68 -1.33 6.96
N ASP A 47 8.08 -0.15 6.79
CA ASP A 47 7.79 0.68 7.96
C ASP A 47 6.83 0.01 8.91
N ALA A 48 5.83 -0.71 8.38
CA ALA A 48 4.86 -1.36 9.24
C ALA A 48 5.48 -2.54 9.98
N LEU A 49 6.41 -3.23 9.32
CA LEU A 49 7.15 -4.31 9.98
C LEU A 49 8.06 -3.75 11.06
N ASP A 50 8.72 -2.62 10.80
CA ASP A 50 9.52 -1.99 11.85
C ASP A 50 8.69 -1.71 13.08
N LYS A 51 7.44 -1.25 12.88
CA LYS A 51 6.62 -0.85 14.02
C LYS A 51 6.28 -2.03 14.91
N ILE A 52 5.87 -3.15 14.31
CA ILE A 52 5.52 -4.30 15.15
C ILE A 52 6.77 -4.89 15.76
N ARG A 53 7.92 -4.85 15.05
CA ARG A 53 9.14 -5.30 15.68
C ARG A 53 9.48 -4.47 16.92
N TYR A 54 9.40 -3.15 16.81
CA TYR A 54 9.72 -2.31 17.96
C TYR A 54 8.81 -2.63 19.15
N GLU A 55 7.50 -2.76 18.89
CA GLU A 55 6.57 -3.06 19.97
C GLU A 55 6.91 -4.40 20.62
N SER A 56 7.34 -5.38 19.83
CA SER A 56 7.65 -6.69 20.37
C SER A 56 8.90 -6.70 21.23
N LEU A 57 9.73 -5.65 21.16
CA LEU A 57 10.96 -5.64 21.94
C LEU A 57 10.67 -5.60 23.43
N THR A 58 9.56 -4.97 23.83
CA THR A 58 9.18 -4.91 25.24
C THR A 58 7.96 -5.73 25.58
N ASP A 59 7.24 -6.25 24.56
CA ASP A 59 6.07 -7.07 24.78
C ASP A 59 6.07 -8.19 23.74
N PRO A 60 6.71 -9.33 24.05
CA PRO A 60 6.75 -10.43 23.07
C PRO A 60 5.37 -10.91 22.62
N SER A 61 4.35 -10.80 23.48
CA SER A 61 3.01 -11.25 23.10
C SER A 61 2.46 -10.50 21.90
N LYS A 62 3.05 -9.36 21.52
CA LYS A 62 2.61 -8.67 20.32
C LYS A 62 2.79 -9.53 19.08
N LEU A 63 3.62 -10.56 19.12
CA LEU A 63 3.83 -11.44 17.99
C LEU A 63 3.05 -12.74 18.11
N ASP A 64 2.14 -12.84 19.09
CA ASP A 64 1.30 -14.04 19.18
C ASP A 64 0.46 -14.22 17.93
N SER A 65 0.16 -13.12 17.23
CA SER A 65 -0.57 -13.12 15.97
C SER A 65 0.31 -13.45 14.77
N GLY A 66 1.57 -13.83 15.00
CA GLY A 66 2.46 -14.17 13.90
C GLY A 66 3.88 -13.72 14.16
N LYS A 67 4.81 -14.67 14.20
CA LYS A 67 6.20 -14.32 14.52
C LYS A 67 6.99 -13.89 13.29
N GLU A 68 6.59 -14.36 12.10
CA GLU A 68 7.34 -14.08 10.88
C GLU A 68 7.12 -12.65 10.44
N LEU A 69 8.22 -11.98 10.07
CA LEU A 69 8.17 -10.60 9.58
C LEU A 69 8.67 -10.61 8.14
N HIS A 70 7.75 -10.46 7.18
CA HIS A 70 8.14 -10.65 5.78
C HIS A 70 7.21 -9.89 4.86
N ILE A 71 7.59 -9.86 3.58
CA ILE A 71 6.83 -9.23 2.51
C ILE A 71 6.71 -10.23 1.37
N ASN A 72 5.48 -10.45 0.89
CA ASN A 72 5.23 -11.31 -0.25
C ASN A 72 4.64 -10.50 -1.40
N LEU A 73 5.10 -10.80 -2.61
CA LEU A 73 4.56 -10.19 -3.83
C LEU A 73 3.87 -11.30 -4.61
N ILE A 74 2.58 -11.15 -4.86
CA ILE A 74 1.77 -12.20 -5.43
C ILE A 74 1.08 -11.69 -6.69
N PRO A 75 1.62 -11.99 -7.86
CA PRO A 75 0.92 -11.65 -9.10
C PRO A 75 -0.11 -12.71 -9.46
N ASN A 76 -1.23 -12.28 -10.04
CA ASN A 76 -2.27 -13.20 -10.50
C ASN A 76 -2.76 -12.71 -11.87
N LYS A 77 -2.33 -13.39 -12.94
CA LYS A 77 -2.69 -12.95 -14.27
C LYS A 77 -4.16 -13.19 -14.58
N GLN A 78 -4.77 -14.20 -13.97
CA GLN A 78 -6.19 -14.46 -14.23
C GLN A 78 -7.06 -13.36 -13.66
N ASP A 79 -6.75 -12.89 -12.45
CA ASP A 79 -7.48 -11.81 -11.81
C ASP A 79 -6.96 -10.44 -12.18
N ARG A 80 -5.83 -10.38 -12.90
CA ARG A 80 -5.10 -9.14 -13.19
C ARG A 80 -4.89 -8.32 -11.93
N THR A 81 -4.33 -8.97 -10.90
CA THR A 81 -4.03 -8.32 -9.64
C THR A 81 -2.58 -8.55 -9.24
N LEU A 82 -1.97 -7.55 -8.64
CA LEU A 82 -0.70 -7.69 -7.95
C LEU A 82 -0.93 -7.38 -6.48
N THR A 83 -0.64 -8.33 -5.61
CA THR A 83 -0.91 -8.20 -4.19
C THR A 83 0.40 -8.10 -3.43
N ILE A 84 0.51 -7.09 -2.56
CA ILE A 84 1.68 -6.91 -1.69
C ILE A 84 1.22 -7.22 -0.27
N VAL A 85 1.77 -8.27 0.33
CA VAL A 85 1.37 -8.73 1.66
C VAL A 85 2.52 -8.48 2.62
N ASP A 86 2.22 -7.91 3.79
CA ASP A 86 3.24 -7.86 4.84
C ASP A 86 2.60 -8.32 6.14
N THR A 87 3.46 -8.73 7.07
CA THR A 87 3.01 -9.11 8.40
C THR A 87 3.39 -8.04 9.43
N GLY A 88 3.25 -6.78 9.04
CA GLY A 88 3.57 -5.67 9.91
C GLY A 88 2.46 -5.41 10.92
N ILE A 89 2.48 -4.20 11.47
CA ILE A 89 1.60 -3.90 12.60
C ILE A 89 0.14 -3.83 12.19
N GLY A 90 -0.15 -3.66 10.90
CA GLY A 90 -1.52 -3.55 10.45
C GLY A 90 -2.12 -2.21 10.82
N MET A 91 -3.42 -2.08 10.53
CA MET A 91 -4.14 -0.84 10.80
C MET A 91 -5.48 -1.14 11.43
N THR A 92 -5.88 -0.27 12.36
CA THR A 92 -7.22 -0.32 12.93
C THR A 92 -8.22 0.30 11.95
N LYS A 93 -9.51 0.10 12.24
CA LYS A 93 -10.54 0.74 11.43
C LYS A 93 -10.36 2.25 11.42
N ALA A 94 -10.06 2.83 12.59
CA ALA A 94 -9.83 4.27 12.66
C ALA A 94 -8.63 4.66 11.80
N ASP A 95 -7.57 3.84 11.80
CA ASP A 95 -6.43 4.11 10.93
C ASP A 95 -6.83 4.10 9.47
N LEU A 96 -7.62 3.10 9.04
CA LEU A 96 -8.02 3.03 7.64
C LEU A 96 -8.77 4.29 7.22
N ILE A 97 -9.72 4.73 8.04
CA ILE A 97 -10.52 5.90 7.69
C ILE A 97 -9.65 7.15 7.67
N ASN A 98 -8.71 7.24 8.60
CA ASN A 98 -7.79 8.37 8.70
C ASN A 98 -6.66 8.23 7.69
N ASN A 99 -7.01 8.04 6.42
CA ASN A 99 -6.07 8.01 5.31
C ASN A 99 -5.01 6.92 5.49
N LEU A 100 -5.46 5.73 5.91
CA LEU A 100 -4.60 4.56 6.03
C LEU A 100 -3.39 4.84 6.92
N GLY A 101 -3.63 5.51 8.04
CA GLY A 101 -2.60 5.74 9.02
C GLY A 101 -1.57 6.78 8.65
N THR A 102 -1.87 7.65 7.68
CA THR A 102 -0.93 8.65 7.21
C THR A 102 -1.42 10.04 7.59
N ILE A 103 -0.50 11.00 7.54
CA ILE A 103 -0.86 12.41 7.68
C ILE A 103 -1.03 12.99 6.29
N ALA A 104 -1.99 12.43 5.54
CA ALA A 104 -2.06 12.69 4.11
C ALA A 104 -2.39 14.15 3.79
N LYS A 105 -3.16 14.84 4.64
CA LYS A 105 -3.49 16.22 4.34
C LYS A 105 -2.24 17.10 4.35
N SER A 106 -1.48 17.05 5.44
CA SER A 106 -0.27 17.88 5.50
C SER A 106 0.81 17.32 4.57
N GLY A 107 0.87 16.00 4.41
CA GLY A 107 1.82 15.42 3.48
C GLY A 107 1.57 15.84 2.05
N THR A 108 0.30 15.85 1.62
CA THR A 108 -0.04 16.32 0.28
C THR A 108 0.36 17.78 0.11
N LYS A 109 0.10 18.61 1.12
CA LYS A 109 0.49 20.02 1.05
C LYS A 109 1.99 20.16 0.89
N ALA A 110 2.76 19.41 1.67
CA ALA A 110 4.22 19.49 1.57
C ALA A 110 4.71 18.97 0.23
N PHE A 111 4.15 17.85 -0.24
CA PHE A 111 4.49 17.32 -1.56
C PHE A 111 4.20 18.36 -2.64
N MET A 112 3.05 19.03 -2.55
CA MET A 112 2.70 20.08 -3.51
C MET A 112 3.71 21.22 -3.45
N GLU A 113 4.04 21.66 -2.23
CA GLU A 113 4.99 22.75 -2.06
C GLU A 113 6.38 22.35 -2.56
N ALA A 114 6.76 21.10 -2.37
CA ALA A 114 8.07 20.64 -2.83
C ALA A 114 8.15 20.60 -4.35
N LEU A 115 7.05 20.19 -5.01
CA LEU A 115 7.05 20.13 -6.46
C LEU A 115 7.19 21.52 -7.07
N GLN A 116 6.59 22.53 -6.43
CA GLN A 116 6.79 23.89 -6.90
C GLN A 116 8.23 24.35 -6.70
N ALA A 117 8.92 23.78 -5.72
CA ALA A 117 10.30 24.13 -5.42
C ALA A 117 11.31 23.24 -6.14
N GLY A 118 10.87 22.38 -7.04
CA GLY A 118 11.77 21.60 -7.86
C GLY A 118 11.95 20.15 -7.47
N ALA A 119 11.05 19.58 -6.66
CA ALA A 119 11.12 18.16 -6.37
C ALA A 119 10.50 17.36 -7.51
N ASP A 120 10.79 16.06 -7.52
CA ASP A 120 10.23 15.17 -8.54
C ASP A 120 9.04 14.40 -7.98
N ILE A 121 8.18 13.96 -8.90
CA ILE A 121 7.03 13.14 -8.54
C ILE A 121 7.47 11.87 -7.84
N SER A 122 8.60 11.29 -8.27
CA SER A 122 9.11 10.08 -7.64
C SER A 122 9.49 10.28 -6.18
N MET A 123 9.52 11.52 -5.70
CA MET A 123 9.82 11.83 -4.32
C MET A 123 8.60 11.75 -3.42
N ILE A 124 7.47 11.27 -3.94
CA ILE A 124 6.20 11.23 -3.20
C ILE A 124 6.38 10.59 -1.82
N GLY A 125 7.20 9.54 -1.73
CA GLY A 125 7.32 8.83 -0.47
C GLY A 125 7.94 9.65 0.67
N GLN A 126 8.73 10.67 0.34
CA GLN A 126 9.32 11.53 1.35
C GLN A 126 8.29 12.37 2.09
N PHE A 127 7.04 12.38 1.61
CA PHE A 127 5.99 13.22 2.15
C PHE A 127 4.88 12.38 2.77
N GLY A 128 5.12 11.09 2.95
CA GLY A 128 4.21 10.25 3.68
C GLY A 128 2.97 9.83 2.93
N VAL A 129 2.90 10.05 1.61
CA VAL A 129 1.70 9.70 0.85
C VAL A 129 2.04 8.78 -0.31
N GLY A 130 3.13 8.00 -0.18
CA GLY A 130 3.52 7.08 -1.22
C GLY A 130 2.48 6.04 -1.56
N PHE A 131 1.59 5.72 -0.61
CA PHE A 131 0.55 4.73 -0.89
C PHE A 131 -0.24 5.08 -2.14
N TYR A 132 -0.57 6.36 -2.31
CA TYR A 132 -1.47 6.75 -3.40
C TYR A 132 -0.81 6.60 -4.76
N SER A 133 0.50 6.38 -4.84
CA SER A 133 1.13 6.05 -6.11
C SER A 133 0.62 4.74 -6.68
N ALA A 134 -0.07 3.92 -5.87
CA ALA A 134 -0.71 2.73 -6.40
C ALA A 134 -1.60 3.05 -7.59
N TYR A 135 -2.20 4.25 -7.61
CA TYR A 135 -3.12 4.61 -8.68
C TYR A 135 -2.40 4.99 -9.97
N LEU A 136 -1.07 4.93 -9.98
CA LEU A 136 -0.33 4.99 -11.25
C LEU A 136 -0.61 3.75 -12.10
N VAL A 137 -0.87 2.62 -11.47
CA VAL A 137 -1.03 1.36 -12.19
C VAL A 137 -2.36 0.68 -11.93
N ALA A 138 -3.08 1.03 -10.87
CA ALA A 138 -4.29 0.33 -10.47
C ALA A 138 -5.52 1.17 -10.74
N GLU A 139 -6.55 0.55 -11.31
CA GLU A 139 -7.85 1.20 -11.42
C GLU A 139 -8.64 1.09 -10.13
N LYS A 140 -8.31 0.11 -9.30
CA LYS A 140 -8.97 -0.10 -8.02
C LYS A 140 -7.93 -0.68 -7.07
N VAL A 141 -8.00 -0.28 -5.81
CA VAL A 141 -7.09 -0.79 -4.80
C VAL A 141 -7.93 -1.27 -3.63
N THR A 142 -7.67 -2.50 -3.18
CA THR A 142 -8.29 -3.08 -2.00
C THR A 142 -7.22 -3.28 -0.95
N VAL A 143 -7.48 -2.86 0.28
CA VAL A 143 -6.54 -3.00 1.38
C VAL A 143 -7.22 -3.84 2.46
N ILE A 144 -6.68 -5.02 2.73
CA ILE A 144 -7.13 -5.89 3.80
C ILE A 144 -6.14 -5.75 4.94
N THR A 145 -6.62 -5.53 6.16
CA THR A 145 -5.67 -5.29 7.25
C THR A 145 -6.20 -5.87 8.56
N LYS A 146 -5.26 -6.29 9.40
CA LYS A 146 -5.57 -6.80 10.74
C LYS A 146 -4.53 -6.26 11.69
N HIS A 147 -4.98 -5.49 12.68
CA HIS A 147 -4.14 -4.94 13.75
C HIS A 147 -4.47 -5.70 15.02
N ASN A 148 -3.46 -5.90 15.89
CA ASN A 148 -3.70 -6.64 17.13
C ASN A 148 -4.88 -6.10 17.93
N ASP A 149 -5.16 -4.80 17.84
CA ASP A 149 -6.16 -4.16 18.68
C ASP A 149 -7.53 -4.03 18.02
N ASP A 150 -7.75 -4.64 16.85
CA ASP A 150 -9.01 -4.47 16.15
C ASP A 150 -9.30 -5.72 15.32
N GLU A 151 -10.46 -5.72 14.65
CA GLU A 151 -10.86 -6.81 13.77
C GLU A 151 -10.29 -6.61 12.38
N GLN A 152 -10.51 -7.61 11.52
CA GLN A 152 -10.03 -7.54 10.14
C GLN A 152 -10.99 -6.73 9.29
N TYR A 153 -10.45 -5.74 8.57
CA TYR A 153 -11.24 -4.83 7.76
C TYR A 153 -10.73 -4.78 6.32
N ALA A 154 -11.63 -4.41 5.41
CA ALA A 154 -11.30 -4.20 4.00
C ALA A 154 -11.63 -2.77 3.62
N TRP A 155 -10.61 -2.03 3.17
CA TRP A 155 -10.75 -0.70 2.59
C TRP A 155 -10.70 -0.85 1.07
N GLU A 156 -11.44 -0.02 0.35
CA GLU A 156 -11.41 -0.14 -1.11
C GLU A 156 -11.73 1.19 -1.75
N SER A 157 -11.05 1.49 -2.86
CA SER A 157 -11.39 2.70 -3.60
C SER A 157 -10.99 2.56 -5.06
N SER A 158 -11.87 3.04 -5.94
CA SER A 158 -11.55 3.25 -7.34
C SER A 158 -11.35 4.73 -7.65
N ALA A 159 -10.92 5.49 -6.64
CA ALA A 159 -10.78 6.95 -6.71
C ALA A 159 -12.18 7.52 -6.97
N GLY A 160 -12.27 8.60 -7.75
CA GLY A 160 -13.58 9.22 -7.93
C GLY A 160 -14.14 9.87 -6.68
N GLY A 161 -13.33 10.05 -5.64
CA GLY A 161 -13.72 10.85 -4.50
C GLY A 161 -14.19 10.09 -3.28
N SER A 162 -14.27 8.76 -3.33
CA SER A 162 -14.85 8.04 -2.20
C SER A 162 -14.09 6.73 -2.00
N PHE A 163 -14.20 6.21 -0.78
CA PHE A 163 -13.69 4.89 -0.45
C PHE A 163 -14.71 4.19 0.45
N THR A 164 -14.57 2.86 0.54
CA THR A 164 -15.46 2.09 1.40
C THR A 164 -14.65 1.34 2.44
N VAL A 165 -15.31 1.06 3.57
CA VAL A 165 -14.73 0.23 4.62
C VAL A 165 -15.80 -0.77 5.04
N ARG A 166 -15.41 -2.05 5.15
CA ARG A 166 -16.31 -3.07 5.64
C ARG A 166 -15.52 -4.07 6.47
N THR A 167 -16.21 -4.77 7.36
CA THR A 167 -15.59 -5.91 8.02
C THR A 167 -15.27 -6.96 6.97
N ASP A 168 -14.08 -7.55 7.07
CA ASP A 168 -13.63 -8.53 6.09
C ASP A 168 -13.94 -9.93 6.61
N THR A 169 -14.83 -10.63 5.92
CA THR A 169 -15.17 -12.01 6.25
C THR A 169 -14.29 -13.02 5.53
N GLY A 170 -13.36 -12.56 4.71
CA GLY A 170 -12.50 -13.45 3.95
C GLY A 170 -11.45 -14.15 4.79
N GLU A 171 -10.40 -14.59 4.12
CA GLU A 171 -9.33 -15.37 4.74
C GLU A 171 -8.69 -14.60 5.89
N PRO A 172 -8.72 -15.11 7.12
CA PRO A 172 -8.05 -14.40 8.23
C PRO A 172 -6.55 -14.30 7.98
N MET A 173 -5.99 -13.11 8.27
CA MET A 173 -4.57 -12.90 8.03
C MET A 173 -3.70 -12.95 9.29
N GLY A 174 -4.29 -12.92 10.47
CA GLY A 174 -3.48 -12.97 11.68
C GLY A 174 -3.00 -11.61 12.13
N ARG A 175 -2.17 -10.96 11.31
CA ARG A 175 -1.74 -9.59 11.56
C ARG A 175 -1.03 -9.09 10.31
N GLY A 176 -1.31 -7.83 9.92
CA GLY A 176 -0.57 -7.28 8.81
C GLY A 176 -1.50 -6.59 7.82
N THR A 177 -0.99 -6.40 6.61
CA THR A 177 -1.72 -5.64 5.60
C THR A 177 -1.53 -6.29 4.24
N LYS A 178 -2.61 -6.36 3.47
CA LYS A 178 -2.60 -6.90 2.11
C LYS A 178 -3.10 -5.79 1.18
N VAL A 179 -2.25 -5.33 0.26
CA VAL A 179 -2.65 -4.32 -0.72
C VAL A 179 -2.86 -5.01 -2.06
N ILE A 180 -4.10 -5.02 -2.53
CA ILE A 180 -4.48 -5.70 -3.76
C ILE A 180 -4.65 -4.64 -4.84
N LEU A 181 -3.77 -4.67 -5.84
CA LEU A 181 -3.80 -3.73 -6.96
C LEU A 181 -4.55 -4.38 -8.12
N HIS A 182 -5.72 -3.83 -8.45
CA HIS A 182 -6.47 -4.27 -9.63
C HIS A 182 -5.92 -3.46 -10.80
N LEU A 183 -5.06 -4.06 -11.61
CA LEU A 183 -4.23 -3.30 -12.52
C LEU A 183 -5.05 -2.77 -13.70
N LYS A 184 -4.66 -1.59 -14.20
CA LYS A 184 -5.20 -1.10 -15.45
C LYS A 184 -4.84 -2.04 -16.59
N GLU A 185 -5.68 -2.04 -17.62
CA GLU A 185 -5.53 -3.01 -18.71
C GLU A 185 -4.18 -2.90 -19.40
N ASP A 186 -3.59 -1.71 -19.45
CA ASP A 186 -2.32 -1.51 -20.15
C ASP A 186 -1.13 -1.56 -19.21
N GLN A 187 -1.30 -2.02 -17.98
CA GLN A 187 -0.23 -2.05 -17.00
C GLN A 187 0.08 -3.47 -16.55
N THR A 188 -0.21 -4.47 -17.39
CA THR A 188 -0.02 -5.85 -16.98
C THR A 188 1.43 -6.30 -16.98
N GLU A 189 2.37 -5.44 -17.42
CA GLU A 189 3.79 -5.80 -17.31
C GLU A 189 4.18 -6.05 -15.86
N TYR A 190 3.48 -5.45 -14.91
CA TYR A 190 3.79 -5.59 -13.49
C TYR A 190 3.28 -6.90 -12.91
N LEU A 191 2.76 -7.80 -13.76
CA LEU A 191 2.48 -9.17 -13.38
C LEU A 191 3.55 -10.14 -13.87
N GLU A 192 4.50 -9.68 -14.66
CA GLU A 192 5.51 -10.56 -15.23
C GLU A 192 6.68 -10.70 -14.25
N GLU A 193 7.09 -11.95 -14.01
CA GLU A 193 8.12 -12.21 -13.01
C GLU A 193 9.37 -11.39 -13.27
N ARG A 194 9.83 -11.33 -14.52
CA ARG A 194 11.10 -10.66 -14.78
C ARG A 194 11.00 -9.16 -14.56
N ARG A 195 9.82 -8.57 -14.81
CA ARG A 195 9.64 -7.15 -14.57
C ARG A 195 9.61 -6.83 -13.08
N ILE A 196 8.90 -7.65 -12.30
CA ILE A 196 8.87 -7.43 -10.86
C ILE A 196 10.26 -7.58 -10.27
N LYS A 197 10.97 -8.65 -10.65
CA LYS A 197 12.34 -8.85 -10.14
C LYS A 197 13.22 -7.65 -10.44
N GLU A 198 13.13 -7.12 -11.66
CA GLU A 198 13.94 -5.97 -12.05
C GLU A 198 13.66 -4.77 -11.16
N ILE A 199 12.37 -4.51 -10.89
CA ILE A 199 12.00 -3.35 -10.09
C ILE A 199 12.45 -3.52 -8.65
N VAL A 200 12.28 -4.71 -8.09
CA VAL A 200 12.71 -4.94 -6.71
C VAL A 200 14.21 -4.76 -6.59
N LYS A 201 14.97 -5.30 -7.55
CA LYS A 201 16.42 -5.16 -7.50
C LYS A 201 16.86 -3.71 -7.67
N LYS A 202 16.13 -2.94 -8.48
CA LYS A 202 16.53 -1.57 -8.77
C LYS A 202 16.25 -0.64 -7.60
N HIS A 203 15.09 -0.82 -6.93
CA HIS A 203 14.57 0.15 -5.98
C HIS A 203 14.46 -0.33 -4.55
N SER A 204 14.48 -1.65 -4.30
CA SER A 204 14.21 -2.20 -2.98
C SER A 204 15.26 -3.23 -2.58
N GLN A 205 16.49 -3.12 -3.10
CA GLN A 205 17.48 -4.16 -2.90
C GLN A 205 18.02 -4.23 -1.47
N PHE A 206 17.80 -3.20 -0.66
CA PHE A 206 18.34 -3.18 0.70
C PHE A 206 17.26 -3.23 1.79
N ILE A 207 16.00 -3.51 1.43
CA ILE A 207 14.95 -3.66 2.43
C ILE A 207 15.31 -4.78 3.41
N GLY A 208 15.11 -4.53 4.70
CA GLY A 208 15.61 -5.43 5.72
C GLY A 208 14.68 -6.56 6.13
N TYR A 209 13.80 -6.96 5.22
CA TYR A 209 12.88 -8.08 5.47
C TYR A 209 12.87 -8.92 4.19
N PRO A 210 12.63 -10.22 4.32
CA PRO A 210 12.61 -11.07 3.10
C PRO A 210 11.43 -10.71 2.21
N ILE A 211 11.73 -10.50 0.93
CA ILE A 211 10.71 -10.24 -0.09
C ILE A 211 10.66 -11.47 -0.98
N THR A 212 9.51 -12.14 -0.99
CA THR A 212 9.34 -13.37 -1.74
C THR A 212 8.41 -13.08 -2.90
N LEU A 213 8.91 -13.27 -4.12
CA LEU A 213 8.09 -13.11 -5.33
C LEU A 213 7.48 -14.47 -5.67
N PHE A 214 6.16 -14.59 -5.52
CA PHE A 214 5.47 -15.82 -5.85
C PHE A 214 5.45 -16.00 -7.37
N VAL A 215 5.45 -17.25 -7.82
CA VAL A 215 5.27 -17.55 -9.23
C VAL A 215 3.89 -18.15 -9.45
N GLU A 216 3.51 -18.27 -10.72
CA GLU A 216 2.20 -18.78 -11.07
C GLU A 216 2.32 -20.07 -11.88
N LYS A 217 1.26 -20.88 -11.81
CA LYS A 217 1.14 -22.10 -12.61
C LYS A 217 1.41 -21.85 -14.09
C1 9TW B . 2.17 14.53 -11.05
C2 9TW B . 2.23 13.44 -10.21
C3 9TW B . 2.43 13.62 -8.86
C4 9TW B . 2.59 14.86 -8.33
C5 9TW B . 2.53 15.96 -9.17
C6 9TW B . 2.33 15.82 -10.53
CL1 9TW B . 2.04 11.84 -10.85
F1 9TW B . 2.50 12.53 -8.06
C7 9TW B . 2.24 17.03 -11.40
O1 9TW B . 2.44 16.95 -12.61
N1 9TW B . 1.94 18.20 -10.81
#